data_6HDT
#
_entry.id   6HDT
#
_cell.length_a   42.131
_cell.length_b   65.218
_cell.length_c   67.738
_cell.angle_alpha   90.00
_cell.angle_beta   100.25
_cell.angle_gamma   90.00
#
_symmetry.space_group_name_H-M   'P 1 21 1'
#
loop_
_entity.id
_entity.type
_entity.pdbx_description
1 polymer 'Short afifavidin'
2 non-polymer BIOTIN
3 water water
#
_entity_poly.entity_id   1
_entity_poly.type   'polypeptide(L)'
_entity_poly.pdbx_seq_one_letter_code
;MAQDMSPRQSAEAFGVPAVSSSWVNQDGSTMTLVFGAGNSVSGFYVNNAPGFGCQGTPYPLVGLTWGNFIGFTVAWDNAT
ANCNSVTSWTGFAEAAGSDVTIVTDWNLAYQGSSSGEIQQGSDTFTLVNKAMK
;
_entity_poly.pdbx_strand_id   A,B,C,D
#
# COMPACT_ATOMS: atom_id res chain seq x y z
N GLN A 3 25.81 0.27 25.16
CA GLN A 3 25.62 -0.59 23.96
C GLN A 3 25.03 0.13 22.75
N ASP A 4 25.06 1.47 22.68
CA ASP A 4 24.66 2.09 21.42
C ASP A 4 25.55 1.58 20.28
N MET A 5 24.91 1.15 19.19
CA MET A 5 25.62 0.73 17.99
C MET A 5 26.42 1.91 17.42
N SER A 6 27.71 1.70 17.18
CA SER A 6 28.51 2.72 16.50
C SER A 6 28.03 2.94 15.06
N PRO A 7 28.28 4.14 14.50
CA PRO A 7 27.92 4.35 13.10
C PRO A 7 28.48 3.26 12.19
N ARG A 8 29.75 2.87 12.39
CA ARG A 8 30.36 1.84 11.54
C ARG A 8 29.71 0.45 11.77
N GLN A 9 29.42 0.10 13.01
CA GLN A 9 28.73 -1.15 13.31
C GLN A 9 27.32 -1.17 12.68
N SER A 10 26.63 -0.03 12.71
CA SER A 10 25.32 0.04 12.08
C SER A 10 25.37 -0.16 10.52
N ALA A 11 26.39 0.42 9.89
CA ALA A 11 26.58 0.30 8.47
C ALA A 11 26.94 -1.13 8.12
N GLU A 12 27.78 -1.76 8.92
CA GLU A 12 28.19 -3.14 8.60
C GLU A 12 27.03 -4.12 8.78
N ALA A 13 26.19 -3.88 9.80
CA ALA A 13 25.02 -4.70 10.00
C ALA A 13 24.09 -4.52 8.79
N PHE A 14 24.05 -3.33 8.19
CA PHE A 14 23.23 -3.17 6.99
C PHE A 14 23.79 -3.90 5.77
N GLY A 15 25.12 -4.04 5.70
CA GLY A 15 25.81 -4.78 4.65
C GLY A 15 26.80 -3.93 3.85
N VAL A 16 27.12 -2.73 4.32
CA VAL A 16 28.06 -1.89 3.58
C VAL A 16 29.29 -1.62 4.45
N PRO A 17 30.45 -1.44 3.80
CA PRO A 17 31.65 -1.35 4.62
C PRO A 17 31.91 0.05 5.20
N ALA A 18 31.12 1.05 4.82
CA ALA A 18 31.48 2.41 5.16
C ALA A 18 30.27 3.09 5.71
N VAL A 19 30.53 4.10 6.52
CA VAL A 19 29.50 4.81 7.21
C VAL A 19 28.55 5.53 6.22
N SER A 20 29.12 5.99 5.11
CA SER A 20 28.34 6.52 4.00
C SER A 20 28.38 5.60 2.79
N SER A 21 27.35 5.65 1.99
CA SER A 21 27.19 4.80 0.83
C SER A 21 26.24 5.48 -0.15
N SER A 22 26.50 5.29 -1.43
CA SER A 22 25.64 5.88 -2.45
CA SER A 22 25.74 5.89 -2.52
C SER A 22 24.95 4.83 -3.30
N TRP A 23 23.75 5.21 -3.69
CA TRP A 23 22.78 4.31 -4.25
C TRP A 23 22.05 4.93 -5.43
N VAL A 24 21.55 4.05 -6.29
CA VAL A 24 20.71 4.38 -7.44
C VAL A 24 19.53 3.40 -7.52
N ASN A 25 18.35 3.94 -7.81
CA ASN A 25 17.21 3.05 -8.02
C ASN A 25 16.96 2.80 -9.52
N GLN A 26 15.92 2.04 -9.82
CA GLN A 26 15.64 1.56 -11.18
C GLN A 26 15.25 2.70 -12.13
N ASP A 27 14.79 3.82 -11.56
CA ASP A 27 14.50 4.98 -12.36
C ASP A 27 15.62 5.99 -12.38
N GLY A 28 16.78 5.63 -11.82
CA GLY A 28 17.95 6.53 -11.79
C GLY A 28 17.95 7.61 -10.72
N SER A 29 17.00 7.56 -9.79
CA SER A 29 17.09 8.43 -8.61
C SER A 29 18.29 7.94 -7.81
N THR A 30 18.96 8.89 -7.16
CA THR A 30 20.12 8.58 -6.36
C THR A 30 19.91 9.06 -4.93
N MET A 31 20.61 8.39 -4.03
CA MET A 31 20.66 8.86 -2.68
C MET A 31 21.97 8.48 -2.06
N THR A 32 22.33 9.24 -1.04
CA THR A 32 23.42 8.86 -0.18
C THR A 32 22.89 8.65 1.24
N LEU A 33 23.35 7.57 1.86
CA LEU A 33 22.97 7.21 3.22
C LEU A 33 24.16 7.34 4.14
N VAL A 34 23.90 7.95 5.27
CA VAL A 34 24.90 8.10 6.33
C VAL A 34 24.33 7.50 7.60
N PHE A 35 24.97 6.43 8.07
CA PHE A 35 24.62 5.84 9.35
C PHE A 35 25.25 6.62 10.52
N GLY A 36 24.45 6.84 11.56
CA GLY A 36 24.92 7.54 12.76
C GLY A 36 24.57 6.80 14.04
N ALA A 37 24.58 7.55 15.15
CA ALA A 37 24.33 7.00 16.48
C ALA A 37 22.82 6.87 16.67
N GLY A 38 22.42 6.10 17.68
CA GLY A 38 21.03 5.87 17.94
C GLY A 38 20.29 5.25 16.78
N ASN A 39 20.91 4.32 16.03
CA ASN A 39 20.24 3.69 14.87
C ASN A 39 19.87 4.69 13.74
N SER A 40 20.46 5.89 13.78
CA SER A 40 20.06 6.91 12.87
C SER A 40 20.52 6.68 11.43
N VAL A 41 19.73 7.23 10.51
CA VAL A 41 20.02 7.28 9.09
C VAL A 41 19.81 8.72 8.67
N SER A 42 20.81 9.29 8.03
CA SER A 42 20.67 10.59 7.39
C SER A 42 21.18 10.49 5.98
N GLY A 43 20.97 11.54 5.22
CA GLY A 43 21.50 11.62 3.89
C GLY A 43 20.73 12.64 3.09
N PHE A 44 20.67 12.38 1.79
CA PHE A 44 19.94 13.17 0.80
C PHE A 44 19.49 12.29 -0.35
N TYR A 45 18.48 12.78 -1.06
CA TYR A 45 17.81 12.06 -2.12
C TYR A 45 17.65 12.92 -3.34
N VAL A 46 18.00 12.37 -4.48
CA VAL A 46 17.83 13.09 -5.74
C VAL A 46 16.87 12.32 -6.62
N ASN A 47 15.69 12.91 -6.80
CA ASN A 47 14.65 12.30 -7.61
C ASN A 47 14.91 12.54 -9.09
N ASN A 48 14.96 11.45 -9.85
CA ASN A 48 15.13 11.56 -11.28
CA ASN A 48 15.16 11.41 -11.32
C ASN A 48 13.98 10.80 -12.03
N ALA A 49 12.96 10.35 -11.27
CA ALA A 49 11.87 9.58 -11.85
C ALA A 49 10.91 10.45 -12.67
N PRO A 50 10.56 9.97 -13.87
CA PRO A 50 9.62 10.72 -14.71
C PRO A 50 8.19 10.76 -14.13
N GLY A 51 7.44 11.81 -14.41
CA GLY A 51 6.03 11.89 -13.95
C GLY A 51 5.85 12.35 -12.52
N PHE A 52 6.95 12.79 -11.91
CA PHE A 52 6.99 13.40 -10.61
C PHE A 52 7.69 14.75 -10.74
N GLY A 53 7.38 15.64 -9.80
CA GLY A 53 8.09 16.90 -9.68
C GLY A 53 9.33 16.81 -8.82
N CYS A 54 9.91 17.97 -8.49
CA CYS A 54 11.09 18.07 -7.59
C CYS A 54 12.24 17.18 -8.06
N GLN A 55 12.52 17.30 -9.34
CA GLN A 55 13.58 16.51 -9.98
CA GLN A 55 13.57 16.51 -9.99
C GLN A 55 14.94 17.20 -9.94
N GLY A 56 15.98 16.38 -9.78
CA GLY A 56 17.33 16.81 -10.02
C GLY A 56 18.09 17.62 -8.98
N THR A 57 17.54 17.82 -7.78
CA THR A 57 18.28 18.49 -6.70
C THR A 57 18.15 17.71 -5.40
N PRO A 58 19.15 17.79 -4.51
CA PRO A 58 19.04 17.01 -3.26
C PRO A 58 17.99 17.52 -2.29
N TYR A 59 17.26 16.57 -1.72
CA TYR A 59 16.34 16.76 -0.61
C TYR A 59 16.83 16.01 0.63
N PRO A 60 16.66 16.63 1.80
CA PRO A 60 17.07 15.96 3.04
C PRO A 60 16.34 14.64 3.24
N LEU A 61 17.05 13.66 3.80
CA LEU A 61 16.40 12.41 4.21
C LEU A 61 16.79 12.04 5.65
N VAL A 62 15.82 11.49 6.39
CA VAL A 62 16.03 11.01 7.76
C VAL A 62 15.34 9.69 7.99
N GLY A 63 15.96 8.82 8.79
CA GLY A 63 15.35 7.53 9.03
C GLY A 63 16.00 6.83 10.19
N LEU A 64 15.67 5.55 10.32
CA LEU A 64 16.28 4.66 11.29
C LEU A 64 16.56 3.33 10.64
N THR A 65 17.45 2.58 11.27
CA THR A 65 17.86 1.27 10.75
C THR A 65 18.03 0.31 11.92
N TRP A 66 17.79 -0.98 11.65
CA TRP A 66 18.30 -2.02 12.50
C TRP A 66 18.68 -3.25 11.65
N GLY A 67 19.85 -3.84 11.90
CA GLY A 67 20.25 -4.98 11.11
C GLY A 67 20.24 -4.61 9.64
N ASN A 68 19.64 -5.46 8.81
CA ASN A 68 19.58 -5.16 7.38
C ASN A 68 18.28 -4.48 6.96
N PHE A 69 17.60 -3.85 7.92
CA PHE A 69 16.35 -3.17 7.65
C PHE A 69 16.49 -1.70 7.86
N ILE A 70 15.71 -0.96 7.09
CA ILE A 70 15.79 0.47 7.05
C ILE A 70 14.45 1.10 6.71
N GLY A 71 14.26 2.31 7.22
CA GLY A 71 13.14 3.16 6.80
C GLY A 71 13.60 4.59 6.80
N PHE A 72 13.13 5.36 5.81
CA PHE A 72 13.53 6.75 5.73
C PHE A 72 12.51 7.58 5.01
N THR A 73 12.52 8.86 5.36
CA THR A 73 11.53 9.81 4.84
C THR A 73 12.20 10.99 4.16
N VAL A 74 11.57 11.50 3.10
CA VAL A 74 11.98 12.73 2.42
C VAL A 74 10.75 13.64 2.29
N ALA A 75 10.87 14.84 2.82
CA ALA A 75 9.86 15.88 2.62
C ALA A 75 10.27 16.73 1.40
N TRP A 76 9.36 16.88 0.41
CA TRP A 76 9.76 17.46 -0.87
C TRP A 76 9.72 19.00 -0.83
N ASP A 77 10.60 19.58 -0.01
CA ASP A 77 10.85 21.00 -0.01
C ASP A 77 12.35 21.25 0.18
N ASN A 78 12.90 22.09 -0.66
CA ASN A 78 14.26 22.60 -0.51
C ASN A 78 14.30 24.03 -1.06
N ALA A 79 15.49 24.63 -1.17
CA ALA A 79 15.60 26.03 -1.65
C ALA A 79 15.15 26.25 -3.12
N THR A 80 15.12 25.17 -3.88
CA THR A 80 14.90 25.15 -5.32
C THR A 80 13.43 24.94 -5.68
N ALA A 81 12.81 23.91 -5.10
CA ALA A 81 11.44 23.53 -5.42
C ALA A 81 10.70 22.80 -4.31
N ASN A 82 9.39 22.95 -4.36
CA ASN A 82 8.48 22.35 -3.41
C ASN A 82 7.42 21.61 -4.19
N CYS A 83 7.14 20.39 -3.74
CA CYS A 83 6.07 19.58 -4.31
C CYS A 83 4.91 19.27 -3.33
N ASN A 84 4.97 19.79 -2.10
CA ASN A 84 3.88 19.67 -1.11
C ASN A 84 3.50 18.21 -0.87
N SER A 85 4.50 17.43 -0.48
CA SER A 85 4.37 15.99 -0.42
C SER A 85 5.51 15.46 0.42
N VAL A 86 5.32 14.23 0.89
CA VAL A 86 6.32 13.52 1.69
C VAL A 86 6.31 12.06 1.27
N THR A 87 7.49 11.46 1.11
CA THR A 87 7.61 9.99 0.86
C THR A 87 8.35 9.30 2.00
N SER A 88 7.95 8.08 2.32
CA SER A 88 8.77 7.20 3.16
C SER A 88 9.01 5.90 2.43
N TRP A 89 10.23 5.38 2.58
CA TRP A 89 10.58 4.10 2.04
C TRP A 89 10.85 3.17 3.20
N THR A 90 10.59 1.87 3.01
CA THR A 90 10.94 0.90 4.04
C THR A 90 11.36 -0.38 3.35
N GLY A 91 12.40 -1.01 3.85
CA GLY A 91 12.92 -2.17 3.12
C GLY A 91 14.07 -2.84 3.81
N PHE A 92 14.72 -3.69 3.03
CA PHE A 92 15.77 -4.56 3.50
C PHE A 92 16.89 -4.72 2.47
N ALA A 93 18.11 -4.84 3.01
CA ALA A 93 19.28 -4.98 2.19
C ALA A 93 19.61 -6.42 2.06
N GLU A 94 20.06 -6.78 0.87
CA GLU A 94 20.67 -8.11 0.58
C GLU A 94 22.06 -7.93 -0.03
N ALA A 95 23.06 -8.66 0.48
CA ALA A 95 24.44 -8.59 0.00
C ALA A 95 24.71 -9.79 -0.88
N ALA A 96 25.41 -9.58 -1.97
CA ALA A 96 25.93 -10.70 -2.75
C ALA A 96 27.25 -10.37 -3.39
N GLY A 97 28.24 -11.25 -3.21
CA GLY A 97 29.60 -10.96 -3.61
C GLY A 97 29.97 -9.57 -3.12
N SER A 98 30.30 -8.66 -4.02
CA SER A 98 30.63 -7.29 -3.64
C SER A 98 29.44 -6.35 -3.82
N ASP A 99 28.26 -6.92 -4.09
CA ASP A 99 27.07 -6.12 -4.40
C ASP A 99 26.11 -6.02 -3.22
N VAL A 100 25.38 -4.92 -3.15
CA VAL A 100 24.30 -4.76 -2.19
C VAL A 100 23.08 -4.15 -2.90
N THR A 101 21.92 -4.70 -2.57
CA THR A 101 20.63 -4.23 -3.04
C THR A 101 19.72 -3.91 -1.87
N ILE A 102 18.97 -2.81 -1.96
CA ILE A 102 17.90 -2.53 -1.01
C ILE A 102 16.56 -2.65 -1.75
N VAL A 103 15.72 -3.56 -1.27
CA VAL A 103 14.37 -3.76 -1.79
C VAL A 103 13.47 -2.97 -0.88
N THR A 104 12.76 -1.98 -1.44
CA THR A 104 11.88 -1.14 -0.65
C THR A 104 10.51 -1.02 -1.25
N ASP A 105 9.56 -0.68 -0.38
CA ASP A 105 8.24 -0.18 -0.77
C ASP A 105 8.11 1.25 -0.24
N TRP A 106 7.34 2.07 -0.92
CA TRP A 106 7.23 3.46 -0.49
C TRP A 106 5.83 3.91 -0.57
N ASN A 107 5.54 4.88 0.28
CA ASN A 107 4.29 5.59 0.25
C ASN A 107 4.59 7.08 0.13
N LEU A 108 3.73 7.82 -0.58
CA LEU A 108 3.92 9.23 -0.85
C LEU A 108 2.60 9.94 -0.59
N ALA A 109 2.59 10.77 0.45
CA ALA A 109 1.43 11.60 0.81
C ALA A 109 1.44 12.88 0.01
N TYR A 110 0.31 13.21 -0.61
CA TYR A 110 0.24 14.41 -1.44
C TYR A 110 -1.17 14.92 -1.42
N GLN A 111 -1.34 16.09 -2.01
CA GLN A 111 -2.59 16.81 -1.94
C GLN A 111 -3.60 16.21 -2.91
N GLY A 112 -4.73 15.78 -2.38
CA GLY A 112 -5.76 15.24 -3.22
C GLY A 112 -6.61 16.37 -3.72
N SER A 113 -7.78 15.99 -4.22
CA SER A 113 -8.72 16.98 -4.73
C SER A 113 -9.30 17.73 -3.55
N SER A 114 -10.07 17.00 -2.76
CA SER A 114 -10.72 17.53 -1.58
C SER A 114 -9.70 17.57 -0.44
N SER A 115 -9.02 16.44 -0.23
CA SER A 115 -7.89 16.39 0.72
C SER A 115 -6.95 15.23 0.40
N GLY A 116 -6.03 14.94 1.33
CA GLY A 116 -4.83 14.17 1.05
C GLY A 116 -5.04 12.79 0.52
N GLU A 117 -4.00 12.29 -0.16
CA GLU A 117 -4.01 10.97 -0.75
C GLU A 117 -2.65 10.39 -0.47
N ILE A 118 -2.56 9.08 -0.62
CA ILE A 118 -1.32 8.36 -0.43
C ILE A 118 -1.13 7.41 -1.62
N GLN A 119 -0.10 7.66 -2.41
CA GLN A 119 0.23 6.75 -3.48
C GLN A 119 1.38 5.86 -3.08
N GLN A 120 1.46 4.75 -3.77
CA GLN A 120 2.38 3.72 -3.37
C GLN A 120 3.16 3.19 -4.56
N GLY A 121 4.30 2.57 -4.23
CA GLY A 121 5.12 1.94 -5.23
C GLY A 121 6.25 1.18 -4.58
N SER A 122 7.17 0.73 -5.42
CA SER A 122 8.35 0.01 -4.99
C SER A 122 9.61 0.53 -5.70
N ASP A 123 10.72 0.65 -4.96
CA ASP A 123 12.03 1.00 -5.51
C ASP A 123 13.05 -0.05 -5.03
N THR A 124 13.92 -0.42 -5.95
CA THR A 124 15.07 -1.26 -5.66
C THR A 124 16.33 -0.43 -5.92
N PHE A 125 17.15 -0.31 -4.87
CA PHE A 125 18.33 0.48 -4.91
C PHE A 125 19.52 -0.43 -5.04
N THR A 126 20.50 0.01 -5.83
CA THR A 126 21.77 -0.75 -5.89
C THR A 126 22.94 0.12 -5.44
N LEU A 127 23.89 -0.52 -4.74
CA LEU A 127 25.03 0.16 -4.19
C LEU A 127 25.95 0.56 -5.32
N VAL A 128 26.31 1.83 -5.35
CA VAL A 128 27.24 2.37 -6.34
C VAL A 128 28.63 2.19 -5.78
N ASN A 129 29.42 1.33 -6.42
CA ASN A 129 30.80 1.08 -6.01
C ASN A 129 31.73 2.13 -6.60
N MET B 5 -12.07 -21.04 -22.09
CA MET B 5 -11.57 -21.88 -20.95
C MET B 5 -12.74 -22.31 -20.03
N SER B 6 -12.89 -23.64 -19.87
CA SER B 6 -14.01 -24.23 -19.10
C SER B 6 -13.88 -24.01 -17.57
N PRO B 7 -15.02 -23.90 -16.86
CA PRO B 7 -15.02 -23.77 -15.39
C PRO B 7 -14.16 -24.86 -14.71
N ARG B 8 -14.31 -26.11 -15.16
CA ARG B 8 -13.59 -27.21 -14.53
C ARG B 8 -12.08 -27.04 -14.76
N GLN B 9 -11.70 -26.67 -15.98
CA GLN B 9 -10.32 -26.37 -16.34
C GLN B 9 -9.74 -25.21 -15.52
N SER B 10 -10.55 -24.17 -15.37
CA SER B 10 -10.16 -22.98 -14.64
C SER B 10 -9.86 -23.32 -13.16
N ALA B 11 -10.72 -24.14 -12.55
CA ALA B 11 -10.54 -24.63 -11.18
C ALA B 11 -9.26 -25.43 -11.01
N GLU B 12 -9.05 -26.38 -11.91
CA GLU B 12 -7.89 -27.26 -11.78
C GLU B 12 -6.60 -26.43 -11.91
N ALA B 13 -6.63 -25.46 -12.83
CA ALA B 13 -5.48 -24.59 -13.07
C ALA B 13 -5.19 -23.70 -11.85
N PHE B 14 -6.22 -23.39 -11.08
CA PHE B 14 -6.07 -22.66 -9.83
C PHE B 14 -5.51 -23.56 -8.72
N GLY B 15 -5.79 -24.87 -8.80
CA GLY B 15 -5.25 -25.88 -7.87
C GLY B 15 -6.28 -26.63 -7.01
N VAL B 16 -7.57 -26.51 -7.35
CA VAL B 16 -8.65 -27.18 -6.61
C VAL B 16 -9.36 -28.18 -7.53
N PRO B 17 -9.82 -29.33 -6.99
CA PRO B 17 -10.43 -30.36 -7.85
C PRO B 17 -11.87 -30.08 -8.27
N ALA B 18 -12.51 -29.02 -7.77
CA ALA B 18 -13.90 -28.82 -8.09
C ALA B 18 -14.16 -27.39 -8.47
N VAL B 19 -15.25 -27.22 -9.20
CA VAL B 19 -15.67 -25.91 -9.65
C VAL B 19 -15.93 -24.98 -8.47
N SER B 20 -16.36 -25.54 -7.36
CA SER B 20 -16.64 -24.77 -6.15
C SER B 20 -15.67 -25.20 -5.07
N SER B 21 -15.36 -24.27 -4.18
CA SER B 21 -14.38 -24.50 -3.10
C SER B 21 -14.67 -23.53 -1.98
N SER B 22 -14.50 -24.01 -0.76
CA SER B 22 -14.74 -23.23 0.45
C SER B 22 -13.41 -22.94 1.17
N TRP B 23 -13.36 -21.76 1.76
CA TRP B 23 -12.12 -21.17 2.26
C TRP B 23 -12.35 -20.42 3.58
N VAL B 24 -11.30 -20.38 4.39
CA VAL B 24 -11.27 -19.61 5.63
C VAL B 24 -9.97 -18.81 5.72
N ASN B 25 -10.04 -17.57 6.18
CA ASN B 25 -8.80 -16.81 6.38
C ASN B 25 -8.39 -16.81 7.86
N GLN B 26 -7.31 -16.10 8.15
CA GLN B 26 -6.66 -16.17 9.45
C GLN B 26 -7.52 -15.56 10.57
N ASP B 27 -8.49 -14.72 10.18
CA ASP B 27 -9.47 -14.14 11.11
C ASP B 27 -10.81 -14.91 11.15
N GLY B 28 -10.90 -16.06 10.50
CA GLY B 28 -12.15 -16.83 10.47
C GLY B 28 -13.18 -16.33 9.48
N SER B 29 -12.83 -15.36 8.64
CA SER B 29 -13.74 -15.02 7.54
C SER B 29 -13.74 -16.22 6.60
N THR B 30 -14.87 -16.42 5.92
CA THR B 30 -15.03 -17.58 5.06
C THR B 30 -15.51 -17.12 3.70
N MET B 31 -15.16 -17.86 2.68
CA MET B 31 -15.73 -17.59 1.39
C MET B 31 -15.88 -18.87 0.59
N THR B 32 -16.74 -18.81 -0.41
CA THR B 32 -16.88 -19.89 -1.39
C THR B 32 -16.68 -19.26 -2.74
N LEU B 33 -15.82 -19.91 -3.53
CA LEU B 33 -15.51 -19.49 -4.87
C LEU B 33 -16.13 -20.49 -5.85
N VAL B 34 -16.73 -19.95 -6.91
CA VAL B 34 -17.25 -20.77 -8.01
C VAL B 34 -16.65 -20.29 -9.32
N PHE B 35 -15.86 -21.19 -9.94
CA PHE B 35 -15.25 -20.86 -11.22
C PHE B 35 -16.27 -21.01 -12.36
N GLY B 36 -16.27 -20.05 -13.28
CA GLY B 36 -17.19 -20.06 -14.41
C GLY B 36 -16.47 -19.89 -15.71
N ALA B 37 -17.22 -19.49 -16.74
CA ALA B 37 -16.66 -19.25 -18.08
C ALA B 37 -15.98 -17.86 -18.16
N GLY B 38 -15.17 -17.67 -19.20
CA GLY B 38 -14.51 -16.39 -19.40
C GLY B 38 -13.63 -15.95 -18.24
N ASN B 39 -12.92 -16.92 -17.65
CA ASN B 39 -12.03 -16.69 -16.49
C ASN B 39 -12.75 -16.16 -15.23
N SER B 40 -14.07 -16.35 -15.16
CA SER B 40 -14.84 -15.67 -14.12
C SER B 40 -14.78 -16.44 -12.81
N VAL B 41 -14.91 -15.72 -11.71
CA VAL B 41 -15.17 -16.34 -10.44
C VAL B 41 -16.30 -15.53 -9.78
N SER B 42 -17.22 -16.29 -9.21
CA SER B 42 -18.33 -15.78 -8.40
C SER B 42 -18.30 -16.51 -7.06
N GLY B 43 -19.13 -16.08 -6.14
CA GLY B 43 -19.15 -16.70 -4.84
C GLY B 43 -19.76 -15.78 -3.84
N PHE B 44 -19.43 -16.02 -2.59
CA PHE B 44 -19.86 -15.14 -1.52
C PHE B 44 -18.77 -15.13 -0.43
N TYR B 45 -18.85 -14.09 0.40
CA TYR B 45 -17.86 -13.82 1.43
C TYR B 45 -18.59 -13.57 2.74
N VAL B 46 -18.10 -14.18 3.81
CA VAL B 46 -18.64 -13.91 5.12
C VAL B 46 -17.52 -13.33 5.94
N ASN B 47 -17.66 -12.06 6.34
CA ASN B 47 -16.65 -11.41 7.16
C ASN B 47 -16.87 -11.75 8.62
N ASN B 48 -15.86 -12.33 9.28
CA ASN B 48 -15.85 -12.62 10.74
CA ASN B 48 -15.94 -12.57 10.71
C ASN B 48 -14.79 -11.83 11.48
N ALA B 49 -14.11 -10.90 10.79
CA ALA B 49 -12.95 -10.24 11.37
C ALA B 49 -13.34 -9.15 12.37
N PRO B 50 -12.67 -9.13 13.53
CA PRO B 50 -13.08 -8.16 14.54
C PRO B 50 -12.65 -6.74 14.16
N GLY B 51 -13.42 -5.74 14.59
CA GLY B 51 -13.11 -4.33 14.32
C GLY B 51 -13.65 -3.78 13.01
N PHE B 52 -14.40 -4.61 12.29
CA PHE B 52 -15.09 -4.28 11.05
C PHE B 52 -16.57 -4.47 11.24
N GLY B 53 -17.34 -3.85 10.35
CA GLY B 53 -18.75 -4.10 10.29
C GLY B 53 -19.14 -5.29 9.42
N CYS B 54 -20.45 -5.38 9.17
CA CYS B 54 -21.00 -6.35 8.22
C CYS B 54 -20.47 -7.76 8.50
N GLN B 55 -20.58 -8.18 9.74
CA GLN B 55 -20.11 -9.51 10.08
C GLN B 55 -21.23 -10.57 10.18
N GLY B 56 -20.88 -11.76 9.72
CA GLY B 56 -21.70 -12.97 9.92
C GLY B 56 -22.72 -13.37 8.86
N THR B 57 -22.81 -12.63 7.75
CA THR B 57 -23.75 -12.96 6.69
C THR B 57 -23.07 -12.85 5.31
N PRO B 58 -23.52 -13.67 4.34
CA PRO B 58 -22.87 -13.67 3.02
C PRO B 58 -23.07 -12.39 2.23
N TYR B 59 -21.98 -11.94 1.59
CA TYR B 59 -21.99 -10.86 0.63
C TYR B 59 -21.54 -11.38 -0.72
N PRO B 60 -22.13 -10.86 -1.81
CA PRO B 60 -21.73 -11.28 -3.17
C PRO B 60 -20.28 -10.97 -3.51
N LEU B 61 -19.62 -11.90 -4.22
CA LEU B 61 -18.26 -11.74 -4.61
C LEU B 61 -18.18 -11.95 -6.13
N VAL B 62 -17.36 -11.16 -6.81
CA VAL B 62 -17.07 -11.37 -8.24
C VAL B 62 -15.60 -11.12 -8.52
N GLY B 63 -15.07 -11.84 -9.51
CA GLY B 63 -13.67 -11.73 -9.83
C GLY B 63 -13.29 -12.35 -11.15
N LEU B 64 -11.97 -12.35 -11.40
CA LEU B 64 -11.38 -13.14 -12.46
C LEU B 64 -10.16 -13.91 -11.99
N THR B 65 -9.84 -14.98 -12.71
CA THR B 65 -8.72 -15.81 -12.39
C THR B 65 -7.86 -16.09 -13.63
N TRP B 66 -6.59 -16.32 -13.40
CA TRP B 66 -5.76 -16.88 -14.44
C TRP B 66 -4.74 -17.79 -13.79
N GLY B 67 -4.72 -19.07 -14.15
CA GLY B 67 -3.90 -20.04 -13.45
C GLY B 67 -4.19 -20.01 -11.96
N ASN B 68 -3.13 -19.88 -11.16
CA ASN B 68 -3.28 -19.79 -9.69
C ASN B 68 -3.39 -18.34 -9.21
N PHE B 69 -3.55 -17.37 -10.11
CA PHE B 69 -3.71 -15.99 -9.72
C PHE B 69 -5.17 -15.58 -9.76
N ILE B 70 -5.55 -14.70 -8.85
CA ILE B 70 -6.96 -14.37 -8.72
C ILE B 70 -7.12 -12.95 -8.19
N GLY B 71 -8.22 -12.36 -8.57
CA GLY B 71 -8.61 -11.07 -7.99
C GLY B 71 -10.10 -11.06 -7.87
N PHE B 72 -10.62 -10.53 -6.76
CA PHE B 72 -12.08 -10.50 -6.58
C PHE B 72 -12.48 -9.36 -5.67
N THR B 73 -13.72 -8.93 -5.82
CA THR B 73 -14.24 -7.76 -5.12
C THR B 73 -15.52 -8.12 -4.38
N VAL B 74 -15.71 -7.49 -3.21
CA VAL B 74 -16.96 -7.60 -2.43
C VAL B 74 -17.41 -6.19 -2.12
N ALA B 75 -18.65 -5.90 -2.48
CA ALA B 75 -19.28 -4.64 -2.04
C ALA B 75 -20.13 -4.95 -0.80
N TRP B 76 -19.95 -4.17 0.25
CA TRP B 76 -20.48 -4.54 1.57
C TRP B 76 -21.93 -4.03 1.71
N ASP B 77 -22.81 -4.62 0.90
CA ASP B 77 -24.24 -4.36 0.98
C ASP B 77 -24.99 -5.62 0.69
N ASN B 78 -25.89 -5.98 1.62
CA ASN B 78 -26.79 -7.09 1.43
C ASN B 78 -28.08 -6.80 2.19
N ALA B 79 -28.99 -7.77 2.31
CA ALA B 79 -30.29 -7.50 2.99
C ALA B 79 -30.12 -7.22 4.49
N THR B 80 -29.03 -7.69 5.11
CA THR B 80 -28.85 -7.59 6.54
C THR B 80 -28.19 -6.27 6.94
N ALA B 81 -27.08 -5.93 6.30
CA ALA B 81 -26.32 -4.72 6.68
C ALA B 81 -25.51 -4.15 5.54
N ASN B 82 -25.32 -2.84 5.62
CA ASN B 82 -24.53 -2.07 4.67
C ASN B 82 -23.44 -1.30 5.40
N CYS B 83 -22.19 -1.48 4.97
CA CYS B 83 -21.04 -0.81 5.60
C CYS B 83 -20.43 0.29 4.70
N ASN B 84 -21.06 0.55 3.56
CA ASN B 84 -20.66 1.67 2.73
C ASN B 84 -19.19 1.57 2.33
N SER B 85 -18.81 0.43 1.79
CA SER B 85 -17.42 0.16 1.50
C SER B 85 -17.32 -0.95 0.46
N VAL B 86 -16.14 -1.05 -0.14
CA VAL B 86 -15.81 -2.12 -1.10
C VAL B 86 -14.39 -2.59 -0.87
N THR B 87 -14.20 -3.91 -0.89
CA THR B 87 -12.85 -4.53 -0.80
C THR B 87 -12.51 -5.31 -2.07
N SER B 88 -11.25 -5.23 -2.50
CA SER B 88 -10.74 -6.20 -3.49
C SER B 88 -9.51 -6.87 -2.97
N TRP B 89 -9.45 -8.17 -3.24
CA TRP B 89 -8.31 -8.98 -2.89
C TRP B 89 -7.61 -9.44 -4.17
N THR B 90 -6.30 -9.61 -4.10
CA THR B 90 -5.60 -10.11 -5.27
C THR B 90 -4.48 -10.99 -4.73
N GLY B 91 -4.25 -12.15 -5.35
CA GLY B 91 -3.22 -13.02 -4.84
C GLY B 91 -3.01 -14.22 -5.68
N PHE B 92 -2.32 -15.18 -5.08
CA PHE B 92 -1.94 -16.44 -5.72
C PHE B 92 -2.16 -17.62 -4.80
N ALA B 93 -2.52 -18.76 -5.37
CA ALA B 93 -2.72 -19.97 -4.57
C ALA B 93 -1.49 -20.85 -4.63
N GLU B 94 -1.23 -21.51 -3.51
CA GLU B 94 -0.19 -22.55 -3.47
C GLU B 94 -0.81 -23.86 -3.00
N ALA B 95 -0.55 -24.97 -3.71
CA ALA B 95 -1.10 -26.27 -3.35
C ALA B 95 -0.08 -27.13 -2.62
N ALA B 96 -0.56 -27.90 -1.67
CA ALA B 96 0.24 -28.96 -1.03
C ALA B 96 -0.61 -30.23 -0.96
N GLY B 97 -0.44 -31.09 -1.95
CA GLY B 97 -1.37 -32.20 -2.13
C GLY B 97 -2.76 -31.65 -2.43
N SER B 98 -3.72 -31.97 -1.57
CA SER B 98 -5.10 -31.54 -1.77
C SER B 98 -5.43 -30.32 -0.90
N ASP B 99 -4.44 -29.84 -0.15
CA ASP B 99 -4.60 -28.59 0.62
C ASP B 99 -4.12 -27.46 -0.29
N VAL B 100 -4.80 -26.31 -0.16
CA VAL B 100 -4.50 -25.15 -0.98
C VAL B 100 -4.55 -23.90 -0.09
N THR B 101 -3.60 -22.99 -0.31
CA THR B 101 -3.55 -21.71 0.41
C THR B 101 -3.53 -20.58 -0.60
N ILE B 102 -4.28 -19.53 -0.34
CA ILE B 102 -4.25 -18.36 -1.21
C ILE B 102 -3.65 -17.22 -0.39
N VAL B 103 -2.57 -16.66 -0.93
CA VAL B 103 -1.90 -15.51 -0.32
C VAL B 103 -2.43 -14.28 -1.02
N THR B 104 -3.04 -13.37 -0.28
CA THR B 104 -3.62 -12.20 -0.89
C THR B 104 -3.26 -10.92 -0.16
N ASP B 105 -3.33 -9.83 -0.93
CA ASP B 105 -3.31 -8.47 -0.39
C ASP B 105 -4.64 -7.88 -0.76
N TRP B 106 -5.18 -7.03 0.11
CA TRP B 106 -6.48 -6.39 -0.14
C TRP B 106 -6.44 -4.90 0.09
N ASN B 107 -7.33 -4.23 -0.62
CA ASN B 107 -7.61 -2.80 -0.45
C ASN B 107 -9.06 -2.62 -0.14
N LEU B 108 -9.38 -1.70 0.75
CA LEU B 108 -10.76 -1.48 1.14
C LEU B 108 -11.05 0.01 1.05
N ALA B 109 -11.96 0.41 0.16
CA ALA B 109 -12.41 1.80 0.07
C ALA B 109 -13.55 2.02 1.03
N TYR B 110 -13.47 3.09 1.83
CA TYR B 110 -14.43 3.33 2.89
C TYR B 110 -14.47 4.82 3.10
N GLN B 111 -15.45 5.28 3.88
CA GLN B 111 -15.60 6.67 4.20
C GLN B 111 -14.79 7.08 5.45
N GLY B 112 -13.90 8.06 5.29
CA GLY B 112 -13.19 8.68 6.41
C GLY B 112 -13.96 9.85 6.99
N SER B 113 -13.25 10.81 7.56
CA SER B 113 -13.84 11.95 8.29
C SER B 113 -14.74 12.82 7.42
N SER B 114 -14.43 12.86 6.13
CA SER B 114 -15.28 13.50 5.12
C SER B 114 -15.30 12.73 3.80
N SER B 115 -14.20 12.07 3.45
CA SER B 115 -13.96 11.62 2.10
C SER B 115 -13.65 10.13 2.01
N GLY B 116 -13.47 9.65 0.81
CA GLY B 116 -13.11 8.26 0.59
C GLY B 116 -11.66 8.08 0.98
N GLU B 117 -11.35 6.89 1.49
CA GLU B 117 -10.01 6.52 1.88
C GLU B 117 -9.83 5.07 1.45
N ILE B 118 -8.59 4.63 1.39
CA ILE B 118 -8.33 3.28 1.01
C ILE B 118 -7.41 2.74 2.10
N GLN B 119 -7.85 1.71 2.82
CA GLN B 119 -7.00 0.98 3.74
C GLN B 119 -6.57 -0.35 3.17
N GLN B 120 -5.53 -0.90 3.75
CA GLN B 120 -4.90 -2.08 3.15
C GLN B 120 -4.56 -3.13 4.19
N GLY B 121 -4.42 -4.35 3.72
CA GLY B 121 -4.00 -5.41 4.56
C GLY B 121 -3.73 -6.62 3.72
N SER B 122 -3.59 -7.76 4.40
CA SER B 122 -3.27 -9.06 3.76
C SER B 122 -4.10 -10.14 4.41
N ASP B 123 -4.60 -11.09 3.62
CA ASP B 123 -5.34 -12.26 4.16
C ASP B 123 -4.78 -13.49 3.53
N THR B 124 -4.62 -14.52 4.33
CA THR B 124 -4.23 -15.86 3.83
C THR B 124 -5.43 -16.79 4.01
N PHE B 125 -5.87 -17.39 2.91
CA PHE B 125 -7.02 -18.28 2.89
C PHE B 125 -6.54 -19.72 2.82
N THR B 126 -7.16 -20.58 3.60
CA THR B 126 -6.90 -22.02 3.49
C THR B 126 -8.18 -22.73 3.09
N LEU B 127 -8.00 -23.74 2.25
CA LEU B 127 -9.07 -24.57 1.77
C LEU B 127 -9.69 -25.41 2.87
N VAL B 128 -11.00 -25.27 3.03
CA VAL B 128 -11.85 -26.14 3.81
C VAL B 128 -12.17 -27.38 2.95
N MET C 5 9.59 26.73 9.53
CA MET C 5 10.94 26.46 10.12
C MET C 5 10.90 26.44 11.66
N SER C 6 9.97 27.18 12.28
CA SER C 6 9.80 27.15 13.74
C SER C 6 8.96 25.92 14.15
N PRO C 7 9.33 25.26 15.27
CA PRO C 7 8.60 24.06 15.69
C PRO C 7 7.08 24.25 15.89
N ARG C 8 6.66 25.35 16.53
CA ARG C 8 5.21 25.60 16.73
C ARG C 8 4.45 25.77 15.43
N GLN C 9 5.02 26.54 14.49
CA GLN C 9 4.44 26.77 13.17
C GLN C 9 4.35 25.47 12.37
N SER C 10 5.37 24.64 12.48
CA SER C 10 5.34 23.32 11.86
C SER C 10 4.22 22.46 12.45
N ALA C 11 4.10 22.42 13.79
CA ALA C 11 3.01 21.74 14.45
C ALA C 11 1.65 22.31 14.07
N GLU C 12 1.53 23.63 14.05
CA GLU C 12 0.24 24.20 13.70
C GLU C 12 -0.16 23.87 12.26
N ALA C 13 0.82 23.82 11.36
CA ALA C 13 0.56 23.53 9.96
C ALA C 13 0.16 22.09 9.76
N PHE C 14 0.57 21.26 10.69
CA PHE C 14 0.18 19.87 10.66
C PHE C 14 -1.26 19.72 11.14
N GLY C 15 -1.66 20.59 12.06
CA GLY C 15 -3.02 20.69 12.56
C GLY C 15 -3.11 20.67 14.07
N VAL C 16 -1.98 20.69 14.76
CA VAL C 16 -1.96 20.50 16.22
C VAL C 16 -1.36 21.73 16.92
N PRO C 17 -2.10 22.31 17.88
CA PRO C 17 -1.61 23.54 18.50
C PRO C 17 -0.59 23.35 19.66
N ALA C 18 0.29 22.35 19.55
CA ALA C 18 1.36 22.09 20.52
C ALA C 18 2.57 21.43 19.83
N VAL C 19 3.78 21.78 20.24
CA VAL C 19 4.99 21.16 19.67
C VAL C 19 5.08 19.69 20.08
N SER C 20 4.55 19.38 21.27
CA SER C 20 4.46 18.00 21.75
C SER C 20 2.99 17.55 21.85
N SER C 21 2.71 16.41 21.24
CA SER C 21 1.38 15.86 21.21
C SER C 21 1.42 14.33 21.24
N SER C 22 0.34 13.78 21.78
CA SER C 22 0.19 12.36 22.05
C SER C 22 -0.98 11.82 21.25
N TRP C 23 -0.76 10.66 20.66
CA TRP C 23 -1.68 10.09 19.69
C TRP C 23 -1.90 8.61 19.98
N VAL C 24 -3.02 8.08 19.50
CA VAL C 24 -3.34 6.66 19.62
C VAL C 24 -4.00 6.20 18.34
N ASN C 25 -3.63 5.00 17.90
CA ASN C 25 -4.23 4.45 16.71
C ASN C 25 -5.37 3.45 17.03
N GLN C 26 -5.99 2.90 15.98
CA GLN C 26 -7.22 2.10 16.13
C GLN C 26 -6.98 0.85 16.95
N ASP C 27 -5.71 0.43 17.05
CA ASP C 27 -5.35 -0.79 17.78
C ASP C 27 -4.77 -0.55 19.18
N GLY C 28 -4.78 0.70 19.61
CA GLY C 28 -4.31 1.04 20.95
C GLY C 28 -2.85 1.43 21.03
N SER C 29 -2.13 1.39 19.90
CA SER C 29 -0.73 1.83 19.89
C SER C 29 -0.65 3.32 20.08
N THR C 30 0.43 3.77 20.71
CA THR C 30 0.52 5.20 21.04
C THR C 30 1.83 5.79 20.57
N MET C 31 1.82 7.08 20.37
CA MET C 31 3.06 7.79 20.06
C MET C 31 2.98 9.21 20.52
N THR C 32 4.15 9.74 20.77
CA THR C 32 4.32 11.15 21.05
C THR C 32 5.13 11.76 19.91
N LEU C 33 4.63 12.86 19.38
CA LEU C 33 5.26 13.57 18.28
C LEU C 33 5.78 14.90 18.80
N VAL C 34 7.05 15.17 18.55
CA VAL C 34 7.63 16.46 18.89
C VAL C 34 8.12 17.09 17.60
N PHE C 35 7.53 18.22 17.25
CA PHE C 35 7.96 18.97 16.11
C PHE C 35 9.17 19.81 16.48
N GLY C 36 10.25 19.63 15.72
CA GLY C 36 11.47 20.43 15.88
C GLY C 36 11.65 21.37 14.69
N ALA C 37 12.81 22.02 14.65
CA ALA C 37 13.10 22.94 13.57
C ALA C 37 13.20 22.20 12.23
N GLY C 38 12.99 22.94 11.16
CA GLY C 38 13.13 22.41 9.80
C GLY C 38 12.40 21.10 9.52
N ASN C 39 11.10 21.10 9.76
CA ASN C 39 10.23 19.97 9.40
C ASN C 39 10.43 18.69 10.21
N SER C 40 11.36 18.71 11.16
CA SER C 40 11.73 17.52 11.91
C SER C 40 10.62 17.05 12.84
N VAL C 41 10.43 15.73 12.92
CA VAL C 41 9.66 15.16 14.03
C VAL C 41 10.45 14.05 14.68
N SER C 42 10.29 14.01 15.99
CA SER C 42 11.00 13.10 16.85
C SER C 42 9.98 12.68 17.89
N GLY C 43 10.19 11.51 18.48
CA GLY C 43 9.33 11.07 19.55
C GLY C 43 9.56 9.64 19.90
N PHE C 44 8.49 9.02 20.40
CA PHE C 44 8.48 7.61 20.81
C PHE C 44 7.18 6.95 20.42
N TYR C 45 7.26 5.64 20.17
CA TYR C 45 6.13 4.88 19.72
C TYR C 45 5.99 3.67 20.63
N VAL C 46 4.76 3.38 21.07
CA VAL C 46 4.48 2.15 21.81
C VAL C 46 3.48 1.30 21.02
N ASN C 47 3.94 0.10 20.65
CA ASN C 47 3.14 -0.86 19.91
C ASN C 47 2.31 -1.69 20.87
N ASN C 48 1.00 -1.52 20.79
CA ASN C 48 0.04 -2.34 21.53
C ASN C 48 -0.90 -3.16 20.62
N ALA C 49 -0.53 -3.33 19.35
CA ALA C 49 -1.34 -4.04 18.35
C ALA C 49 -1.23 -5.53 18.50
N PRO C 50 -2.38 -6.22 18.69
CA PRO C 50 -2.30 -7.68 18.70
C PRO C 50 -1.67 -8.27 17.42
N GLY C 51 -0.90 -9.35 17.58
CA GLY C 51 -0.31 -10.07 16.44
C GLY C 51 1.07 -9.60 16.02
N PHE C 52 1.65 -8.67 16.80
CA PHE C 52 2.99 -8.20 16.56
C PHE C 52 3.84 -8.40 17.80
N GLY C 53 5.15 -8.45 17.59
CA GLY C 53 6.10 -8.46 18.67
C GLY C 53 6.30 -7.07 19.27
N CYS C 54 7.22 -7.03 20.24
CA CYS C 54 7.75 -5.80 20.78
C CYS C 54 6.63 -4.91 21.32
N GLN C 55 5.69 -5.52 22.04
CA GLN C 55 4.52 -4.83 22.58
C GLN C 55 4.77 -4.19 23.94
N GLY C 56 4.32 -2.94 24.09
CA GLY C 56 4.27 -2.32 25.37
C GLY C 56 5.50 -1.59 25.88
N THR C 57 6.44 -1.27 25.01
CA THR C 57 7.71 -0.64 25.40
C THR C 57 8.09 0.45 24.37
N PRO C 58 8.54 1.63 24.82
CA PRO C 58 8.68 2.71 23.85
C PRO C 58 9.92 2.56 22.95
N TYR C 59 9.70 2.81 21.67
CA TYR C 59 10.74 2.84 20.63
C TYR C 59 10.85 4.26 20.07
N PRO C 60 12.09 4.76 19.89
CA PRO C 60 12.25 6.05 19.21
C PRO C 60 11.65 6.09 17.78
N LEU C 61 11.03 7.23 17.44
CA LEU C 61 10.66 7.51 16.06
C LEU C 61 11.34 8.77 15.54
N VAL C 62 11.55 8.81 14.24
CA VAL C 62 12.07 10.01 13.59
C VAL C 62 11.38 10.17 12.26
N GLY C 63 11.10 11.41 11.91
CA GLY C 63 10.69 11.66 10.53
C GLY C 63 10.64 13.11 10.15
N LEU C 64 9.87 13.39 9.10
CA LEU C 64 9.72 14.77 8.60
C LEU C 64 8.30 15.09 8.25
N THR C 65 7.95 16.39 8.24
CA THR C 65 6.64 16.82 7.81
C THR C 65 6.74 17.97 6.82
N TRP C 66 5.67 18.11 6.04
CA TRP C 66 5.48 19.27 5.25
C TRP C 66 3.99 19.54 5.27
N GLY C 67 3.62 20.71 5.75
CA GLY C 67 2.19 21.02 5.84
C GLY C 67 1.49 19.97 6.69
N ASN C 68 0.44 19.34 6.15
CA ASN C 68 -0.29 18.33 6.92
C ASN C 68 0.16 16.93 6.57
N PHE C 69 1.27 16.80 5.85
CA PHE C 69 1.82 15.49 5.48
C PHE C 69 2.97 15.10 6.40
N ILE C 70 3.13 13.79 6.62
CA ILE C 70 4.11 13.34 7.55
C ILE C 70 4.62 11.98 7.12
N GLY C 71 5.87 11.72 7.41
CA GLY C 71 6.43 10.39 7.27
C GLY C 71 7.27 10.13 8.49
N PHE C 72 7.27 8.90 9.01
CA PHE C 72 8.13 8.63 10.17
C PHE C 72 8.46 7.18 10.24
N THR C 73 9.56 6.91 10.91
CA THR C 73 10.07 5.54 11.00
C THR C 73 10.32 5.15 12.46
N VAL C 74 10.21 3.84 12.76
CA VAL C 74 10.57 3.29 14.08
C VAL C 74 11.39 2.06 13.76
N ALA C 75 12.56 1.93 14.38
CA ALA C 75 13.31 0.66 14.36
C ALA C 75 12.97 -0.10 15.66
N TRP C 76 12.61 -1.35 15.50
CA TRP C 76 12.13 -2.19 16.61
C TRP C 76 13.28 -2.81 17.40
N ASP C 77 14.09 -1.93 17.96
CA ASP C 77 15.21 -2.28 18.83
C ASP C 77 15.21 -1.34 20.01
N ASN C 78 15.19 -1.90 21.21
CA ASN C 78 15.49 -1.15 22.42
C ASN C 78 16.01 -2.12 23.45
N ALA C 79 16.27 -1.64 24.65
CA ALA C 79 16.89 -2.46 25.70
C ALA C 79 15.99 -3.60 26.18
N THR C 80 14.68 -3.47 26.01
CA THR C 80 13.71 -4.48 26.46
C THR C 80 13.46 -5.60 25.42
N ALA C 81 13.22 -5.23 24.16
CA ALA C 81 12.97 -6.22 23.12
C ALA C 81 13.45 -5.77 21.75
N ASN C 82 13.89 -6.74 20.96
CA ASN C 82 14.31 -6.51 19.59
C ASN C 82 13.49 -7.42 18.66
N CYS C 83 12.82 -6.82 17.68
CA CYS C 83 12.05 -7.60 16.71
C CYS C 83 12.68 -7.66 15.31
N ASN C 84 13.89 -7.13 15.17
CA ASN C 84 14.66 -7.22 13.95
C ASN C 84 13.82 -6.78 12.76
N SER C 85 13.38 -5.53 12.86
CA SER C 85 12.46 -5.06 11.88
C SER C 85 12.37 -3.54 11.99
N VAL C 86 11.78 -2.90 10.95
CA VAL C 86 11.58 -1.46 10.92
C VAL C 86 10.23 -1.16 10.26
N THR C 87 9.52 -0.13 10.75
CA THR C 87 8.30 0.29 10.15
C THR C 87 8.40 1.75 9.77
N SER C 88 7.88 2.12 8.60
CA SER C 88 7.64 3.53 8.29
C SER C 88 6.17 3.76 7.99
N TRP C 89 5.65 4.90 8.50
CA TRP C 89 4.34 5.37 8.23
C TRP C 89 4.40 6.65 7.39
N THR C 90 3.44 6.80 6.48
CA THR C 90 3.33 8.04 5.71
C THR C 90 1.88 8.41 5.63
N GLY C 91 1.53 9.69 5.80
CA GLY C 91 0.13 10.04 5.63
C GLY C 91 -0.14 11.50 5.85
N PHE C 92 -1.38 11.78 6.17
CA PHE C 92 -1.82 13.17 6.24
C PHE C 92 -2.75 13.40 7.43
N ALA C 93 -2.69 14.60 7.97
CA ALA C 93 -3.59 14.99 9.08
C ALA C 93 -4.82 15.68 8.57
N GLU C 94 -5.94 15.41 9.23
CA GLU C 94 -7.15 16.22 8.98
C GLU C 94 -7.72 16.70 10.31
N ALA C 95 -8.15 17.96 10.34
CA ALA C 95 -8.54 18.62 11.59
C ALA C 95 -10.03 18.90 11.58
N ALA C 96 -10.78 18.21 12.45
CA ALA C 96 -12.22 18.49 12.64
C ALA C 96 -12.50 19.11 14.01
N GLY C 97 -12.66 20.43 14.03
CA GLY C 97 -12.86 21.18 15.27
C GLY C 97 -11.69 21.01 16.22
N SER C 98 -11.95 20.36 17.36
CA SER C 98 -10.93 20.08 18.37
C SER C 98 -10.23 18.73 18.17
N ASP C 99 -10.76 17.89 17.27
CA ASP C 99 -10.17 16.58 16.96
C ASP C 99 -9.26 16.66 15.76
N VAL C 100 -8.17 15.88 15.82
CA VAL C 100 -7.26 15.81 14.70
C VAL C 100 -6.98 14.34 14.49
N THR C 101 -6.92 13.93 13.22
CA THR C 101 -6.72 12.54 12.81
C THR C 101 -5.57 12.49 11.82
N ILE C 102 -4.72 11.47 11.96
CA ILE C 102 -3.70 11.23 10.96
C ILE C 102 -4.05 9.92 10.29
N VAL C 103 -4.24 9.98 8.98
CA VAL C 103 -4.54 8.82 8.18
C VAL C 103 -3.23 8.37 7.53
N THR C 104 -2.81 7.13 7.83
CA THR C 104 -1.52 6.65 7.37
C THR C 104 -1.58 5.26 6.78
N ASP C 105 -0.59 5.01 5.94
CA ASP C 105 -0.27 3.67 5.47
C ASP C 105 1.10 3.36 5.98
N TRP C 106 1.35 2.08 6.29
CA TRP C 106 2.66 1.72 6.80
C TRP C 106 3.18 0.49 6.12
N ASN C 107 4.49 0.39 6.20
CA ASN C 107 5.22 -0.76 5.70
C ASN C 107 6.12 -1.20 6.84
N LEU C 108 6.19 -2.51 7.07
CA LEU C 108 6.99 -3.13 8.10
C LEU C 108 7.90 -4.10 7.37
N ALA C 109 9.20 -3.83 7.42
CA ALA C 109 10.18 -4.69 6.79
C ALA C 109 10.76 -5.58 7.90
N TYR C 110 10.77 -6.90 7.66
CA TYR C 110 11.11 -7.83 8.74
C TYR C 110 11.68 -9.08 8.10
N GLN C 111 12.16 -9.97 8.97
CA GLN C 111 12.68 -11.25 8.49
C GLN C 111 11.55 -12.25 8.40
N GLY C 112 11.19 -12.58 7.18
CA GLY C 112 9.98 -13.34 6.92
C GLY C 112 10.24 -14.80 7.03
N SER C 113 9.29 -15.58 6.55
CA SER C 113 9.37 -17.04 6.67
C SER C 113 10.74 -17.57 6.22
N SER C 114 11.32 -17.00 5.15
CA SER C 114 12.64 -17.44 4.66
C SER C 114 13.49 -16.37 3.97
N SER C 115 13.10 -15.09 4.10
CA SER C 115 13.85 -13.99 3.48
C SER C 115 13.22 -12.73 3.99
N GLY C 116 13.77 -11.58 3.67
CA GLY C 116 13.15 -10.33 4.15
C GLY C 116 11.83 -10.20 3.44
N GLU C 117 10.91 -9.49 4.05
CA GLU C 117 9.59 -9.34 3.50
C GLU C 117 9.10 -8.00 3.97
N ILE C 118 8.15 -7.46 3.25
CA ILE C 118 7.54 -6.20 3.66
C ILE C 118 6.02 -6.35 3.81
N GLN C 119 5.51 -6.08 5.00
CA GLN C 119 4.09 -6.24 5.27
C GLN C 119 3.50 -4.87 5.30
N GLN C 120 2.29 -4.77 4.76
CA GLN C 120 1.68 -3.46 4.64
C GLN C 120 0.41 -3.36 5.49
N GLY C 121 0.04 -2.14 5.90
CA GLY C 121 -1.22 -1.96 6.58
C GLY C 121 -1.55 -0.51 6.65
N SER C 122 -2.59 -0.18 7.41
CA SER C 122 -3.04 1.20 7.57
C SER C 122 -3.37 1.50 9.04
N ASP C 123 -2.91 2.65 9.55
CA ASP C 123 -3.21 3.09 10.90
C ASP C 123 -3.83 4.46 10.78
N THR C 124 -4.88 4.69 11.55
CA THR C 124 -5.37 6.03 11.75
C THR C 124 -5.16 6.39 13.23
N PHE C 125 -4.54 7.56 13.46
CA PHE C 125 -4.21 8.05 14.78
C PHE C 125 -5.17 9.20 15.14
N THR C 126 -5.59 9.24 16.39
CA THR C 126 -6.33 10.41 16.87
C THR C 126 -5.57 11.02 18.04
N LEU C 127 -5.80 12.30 18.22
CA LEU C 127 -5.10 13.06 19.20
C LEU C 127 -5.67 12.68 20.56
N VAL C 128 -4.80 12.34 21.49
CA VAL C 128 -5.16 12.04 22.86
C VAL C 128 -5.06 13.34 23.66
N ASN C 129 -3.97 14.08 23.44
CA ASN C 129 -3.85 15.52 23.74
C ASN C 129 -2.38 15.91 23.85
N ALA D 13 -25.27 6.85 -8.47
CA ALA D 13 -24.49 7.24 -7.25
C ALA D 13 -22.96 7.21 -7.42
N PHE D 14 -22.46 6.65 -8.52
CA PHE D 14 -21.02 6.71 -8.81
C PHE D 14 -20.53 8.10 -9.22
N GLY D 15 -21.43 8.92 -9.78
CA GLY D 15 -21.04 10.27 -10.18
C GLY D 15 -21.03 10.52 -11.68
N VAL D 16 -21.34 9.49 -12.50
CA VAL D 16 -21.41 9.65 -13.97
C VAL D 16 -22.82 9.44 -14.51
N PRO D 17 -23.29 10.35 -15.39
CA PRO D 17 -24.70 10.41 -15.76
C PRO D 17 -25.09 9.33 -16.79
N ALA D 18 -24.14 8.45 -17.16
CA ALA D 18 -24.40 7.43 -18.16
C ALA D 18 -24.10 6.04 -17.60
N VAL D 19 -24.47 5.04 -18.38
CA VAL D 19 -24.29 3.64 -17.99
C VAL D 19 -22.91 3.19 -18.46
N SER D 20 -22.49 3.67 -19.65
CA SER D 20 -21.14 3.39 -20.23
C SER D 20 -20.24 4.63 -20.49
N SER D 21 -18.97 4.52 -20.11
CA SER D 21 -18.04 5.64 -20.05
C SER D 21 -16.57 5.19 -20.23
N SER D 22 -15.73 6.16 -20.64
CA SER D 22 -14.31 5.92 -20.96
CA SER D 22 -14.31 5.91 -20.95
C SER D 22 -13.35 6.74 -20.06
N TRP D 23 -12.29 6.07 -19.60
CA TRP D 23 -11.38 6.64 -18.63
C TRP D 23 -9.95 6.43 -19.07
N VAL D 24 -9.07 7.31 -18.63
CA VAL D 24 -7.63 7.15 -18.90
C VAL D 24 -6.86 7.48 -17.64
N ASN D 25 -5.83 6.70 -17.34
CA ASN D 25 -5.03 6.95 -16.18
C ASN D 25 -3.77 7.79 -16.51
N GLN D 26 -2.96 8.06 -15.49
CA GLN D 26 -1.80 8.95 -15.63
C GLN D 26 -0.71 8.38 -16.55
N ASP D 27 -0.75 7.06 -16.80
CA ASP D 27 0.17 6.42 -17.75
C ASP D 27 -0.44 6.10 -19.12
N GLY D 28 -1.61 6.66 -19.44
CA GLY D 28 -2.19 6.45 -20.76
C GLY D 28 -3.06 5.21 -20.95
N SER D 29 -3.13 4.35 -19.94
CA SER D 29 -4.07 3.20 -19.99
C SER D 29 -5.52 3.67 -19.94
N THR D 30 -6.38 2.96 -20.65
CA THR D 30 -7.79 3.27 -20.75
C THR D 30 -8.66 2.10 -20.34
N MET D 31 -9.88 2.44 -20.02
CA MET D 31 -10.87 1.45 -19.68
C MET D 31 -12.23 2.01 -19.96
N THR D 32 -13.13 1.10 -20.28
CA THR D 32 -14.52 1.40 -20.39
C THR D 32 -15.22 0.67 -19.27
N LEU D 33 -16.13 1.41 -18.61
CA LEU D 33 -16.86 0.92 -17.46
C LEU D 33 -18.35 0.91 -17.79
N VAL D 34 -18.98 -0.23 -17.51
CA VAL D 34 -20.43 -0.39 -17.64
C VAL D 34 -21.00 -0.78 -16.29
N PHE D 35 -21.96 0.00 -15.83
CA PHE D 35 -22.62 -0.27 -14.58
C PHE D 35 -23.88 -1.05 -14.86
N GLY D 36 -23.83 -2.36 -14.66
CA GLY D 36 -24.98 -3.24 -14.92
C GLY D 36 -25.90 -3.44 -13.73
N ALA D 37 -26.51 -4.63 -13.66
CA ALA D 37 -27.50 -4.95 -12.63
C ALA D 37 -26.94 -4.91 -11.19
N GLY D 38 -27.71 -4.32 -10.29
CA GLY D 38 -27.32 -4.16 -8.91
C GLY D 38 -26.06 -3.31 -8.86
N ASN D 39 -25.03 -3.85 -8.23
CA ASN D 39 -23.75 -3.15 -8.05
C ASN D 39 -22.67 -3.55 -9.10
N SER D 40 -23.07 -4.21 -10.18
CA SER D 40 -22.11 -4.80 -11.11
C SER D 40 -21.39 -3.75 -11.94
N VAL D 41 -20.11 -4.04 -12.18
CA VAL D 41 -19.30 -3.30 -13.11
C VAL D 41 -18.64 -4.31 -14.03
N SER D 42 -18.63 -3.95 -15.31
CA SER D 42 -17.92 -4.68 -16.30
C SER D 42 -17.47 -3.69 -17.38
N GLY D 43 -16.65 -4.19 -18.28
CA GLY D 43 -16.08 -3.41 -19.35
C GLY D 43 -14.77 -4.03 -19.80
N PHE D 44 -13.86 -3.16 -20.26
CA PHE D 44 -12.59 -3.53 -20.89
C PHE D 44 -11.52 -2.55 -20.51
N TYR D 45 -10.29 -3.07 -20.42
CA TYR D 45 -9.13 -2.33 -19.98
C TYR D 45 -8.06 -2.49 -21.04
N VAL D 46 -7.42 -1.38 -21.39
CA VAL D 46 -6.25 -1.38 -22.31
C VAL D 46 -5.02 -0.85 -21.55
N ASN D 47 -4.01 -1.71 -21.34
CA ASN D 47 -2.78 -1.28 -20.68
C ASN D 47 -1.90 -0.56 -21.68
N ASN D 48 -1.60 0.71 -21.42
CA ASN D 48 -0.58 1.43 -22.20
C ASN D 48 0.61 1.96 -21.37
N ALA D 49 0.75 1.46 -20.12
CA ALA D 49 1.76 1.91 -19.18
C ALA D 49 3.12 1.32 -19.54
N PRO D 50 4.13 2.20 -19.70
CA PRO D 50 5.48 1.71 -19.93
C PRO D 50 5.95 0.79 -18.79
N GLY D 51 6.64 -0.29 -19.15
CA GLY D 51 7.26 -1.18 -18.15
C GLY D 51 6.36 -2.36 -17.76
N PHE D 52 5.24 -2.50 -18.44
CA PHE D 52 4.39 -3.68 -18.32
C PHE D 52 4.11 -4.28 -19.69
N GLY D 53 3.72 -5.55 -19.70
CA GLY D 53 3.41 -6.25 -20.94
C GLY D 53 1.98 -6.05 -21.39
N CYS D 54 1.60 -6.76 -22.44
CA CYS D 54 0.22 -6.87 -22.86
C CYS D 54 -0.34 -5.50 -23.19
N GLN D 55 0.46 -4.68 -23.87
CA GLN D 55 0.11 -3.29 -24.14
C GLN D 55 -0.73 -3.17 -25.43
N GLY D 56 -1.79 -2.36 -25.32
CA GLY D 56 -2.55 -1.93 -26.45
C GLY D 56 -3.65 -2.85 -26.97
N THR D 57 -4.05 -3.85 -26.16
CA THR D 57 -5.10 -4.79 -26.53
C THR D 57 -6.13 -4.93 -25.40
N PRO D 58 -7.45 -4.89 -25.71
CA PRO D 58 -8.43 -4.89 -24.61
C PRO D 58 -8.54 -6.21 -23.86
N TYR D 59 -8.62 -6.10 -22.54
CA TYR D 59 -8.89 -7.23 -21.61
C TYR D 59 -10.19 -6.97 -20.80
N PRO D 60 -11.07 -7.98 -20.67
CA PRO D 60 -12.27 -7.79 -19.86
C PRO D 60 -11.92 -7.41 -18.39
N LEU D 61 -12.74 -6.53 -17.82
CA LEU D 61 -12.72 -6.28 -16.40
C LEU D 61 -14.07 -6.60 -15.78
N VAL D 62 -14.05 -7.02 -14.52
CA VAL D 62 -15.29 -7.27 -13.74
C VAL D 62 -15.09 -6.78 -12.31
N GLY D 63 -16.13 -6.16 -11.76
CA GLY D 63 -16.07 -5.71 -10.38
C GLY D 63 -17.43 -5.35 -9.81
N LEU D 64 -17.37 -4.61 -8.71
CA LEU D 64 -18.56 -4.14 -8.06
C LEU D 64 -18.33 -2.71 -7.57
N THR D 65 -19.44 -1.98 -7.46
CA THR D 65 -19.44 -0.60 -6.97
C THR D 65 -20.39 -0.45 -5.75
N TRP D 66 -20.10 0.50 -4.87
CA TRP D 66 -21.12 0.95 -3.94
C TRP D 66 -21.00 2.46 -3.89
N GLY D 67 -22.02 3.18 -4.32
CA GLY D 67 -21.87 4.62 -4.36
C GLY D 67 -20.69 4.97 -5.27
N ASN D 68 -19.81 5.87 -4.81
CA ASN D 68 -18.62 6.22 -5.59
C ASN D 68 -17.42 5.30 -5.34
N PHE D 69 -17.59 4.19 -4.59
CA PHE D 69 -16.51 3.19 -4.38
C PHE D 69 -16.58 2.13 -5.42
N ILE D 70 -15.44 1.57 -5.78
CA ILE D 70 -15.42 0.62 -6.83
C ILE D 70 -14.22 -0.29 -6.62
N GLY D 71 -14.35 -1.53 -7.04
CA GLY D 71 -13.24 -2.47 -7.12
C GLY D 71 -13.45 -3.25 -8.41
N PHE D 72 -12.36 -3.59 -9.12
CA PHE D 72 -12.52 -4.37 -10.31
C PHE D 72 -11.20 -5.08 -10.58
N THR D 73 -11.28 -6.17 -11.31
CA THR D 73 -10.13 -7.05 -11.59
C THR D 73 -10.01 -7.20 -13.11
N VAL D 74 -8.77 -7.35 -13.59
CA VAL D 74 -8.46 -7.75 -14.97
C VAL D 74 -7.53 -8.94 -14.91
N ALA D 75 -7.86 -9.99 -15.66
CA ALA D 75 -6.93 -11.10 -15.88
C ALA D 75 -6.23 -10.84 -17.21
N TRP D 76 -4.88 -10.91 -17.23
CA TRP D 76 -4.12 -10.48 -18.41
C TRP D 76 -3.97 -11.63 -19.40
N ASP D 77 -5.11 -12.15 -19.86
CA ASP D 77 -5.21 -13.15 -20.89
C ASP D 77 -6.29 -12.75 -21.91
N ASN D 78 -5.88 -12.67 -23.17
CA ASN D 78 -6.78 -12.60 -24.27
C ASN D 78 -6.16 -13.25 -25.47
N ALA D 79 -6.83 -13.16 -26.60
CA ALA D 79 -6.40 -13.87 -27.83
C ALA D 79 -5.09 -13.31 -28.43
N THR D 80 -4.77 -12.07 -28.07
CA THR D 80 -3.60 -11.41 -28.62
C THR D 80 -2.36 -11.68 -27.78
N ALA D 81 -2.50 -11.62 -26.46
CA ALA D 81 -1.35 -11.76 -25.56
C ALA D 81 -1.73 -12.13 -24.14
N ASN D 82 -0.84 -12.92 -23.54
CA ASN D 82 -0.99 -13.42 -22.18
C ASN D 82 0.21 -13.02 -21.34
N CYS D 83 -0.05 -12.29 -20.26
CA CYS D 83 1.01 -11.87 -19.35
C CYS D 83 1.02 -12.61 -18.02
N ASN D 84 0.16 -13.62 -17.89
CA ASN D 84 0.21 -14.57 -16.82
C ASN D 84 0.13 -13.90 -15.46
N SER D 85 -0.88 -13.05 -15.33
CA SER D 85 -0.99 -12.22 -14.18
C SER D 85 -2.42 -11.72 -14.06
N VAL D 86 -2.72 -11.17 -12.89
CA VAL D 86 -4.04 -10.55 -12.61
C VAL D 86 -3.89 -9.27 -11.79
N THR D 87 -4.69 -8.24 -12.07
CA THR D 87 -4.63 -7.02 -11.31
C THR D 87 -6.01 -6.68 -10.73
N SER D 88 -6.07 -6.18 -9.49
CA SER D 88 -7.33 -5.56 -9.00
C SER D 88 -7.07 -4.17 -8.55
N TRP D 89 -8.03 -3.29 -8.88
CA TRP D 89 -8.02 -1.89 -8.47
C TRP D 89 -9.16 -1.67 -7.47
N THR D 90 -8.92 -0.80 -6.50
CA THR D 90 -9.98 -0.41 -5.55
C THR D 90 -9.85 1.06 -5.26
N GLY D 91 -10.97 1.78 -5.23
CA GLY D 91 -10.88 3.17 -4.90
C GLY D 91 -12.19 3.87 -5.03
N PHE D 92 -12.09 5.15 -5.34
CA PHE D 92 -13.24 6.04 -5.22
C PHE D 92 -13.25 7.12 -6.30
N ALA D 93 -14.45 7.52 -6.73
CA ALA D 93 -14.59 8.46 -7.81
C ALA D 93 -15.01 9.80 -7.23
N GLU D 94 -14.39 10.88 -7.68
CA GLU D 94 -14.75 12.19 -7.17
C GLU D 94 -15.14 13.07 -8.36
N ALA D 95 -16.25 13.77 -8.21
CA ALA D 95 -16.70 14.61 -9.28
C ALA D 95 -16.01 15.95 -9.19
N ALA D 96 -15.77 16.53 -10.36
CA ALA D 96 -15.27 17.88 -10.55
C ALA D 96 -16.15 18.57 -11.58
N GLY D 97 -17.30 19.08 -11.15
CA GLY D 97 -18.37 19.37 -12.12
C GLY D 97 -18.72 18.08 -12.86
N SER D 98 -18.67 18.10 -14.19
CA SER D 98 -18.95 16.89 -15.01
C SER D 98 -17.67 16.09 -15.33
N ASP D 99 -16.51 16.64 -14.98
CA ASP D 99 -15.27 15.85 -14.96
C ASP D 99 -15.35 14.82 -13.81
N VAL D 100 -14.73 13.67 -13.95
CA VAL D 100 -14.75 12.74 -12.86
C VAL D 100 -13.39 12.11 -12.75
N THR D 101 -12.89 11.96 -11.52
CA THR D 101 -11.63 11.20 -11.40
C THR D 101 -11.76 10.04 -10.41
N ILE D 102 -11.10 8.94 -10.74
CA ILE D 102 -11.13 7.77 -9.89
C ILE D 102 -9.72 7.58 -9.34
N VAL D 103 -9.62 7.61 -8.02
CA VAL D 103 -8.38 7.45 -7.31
C VAL D 103 -8.38 6.01 -6.84
N THR D 104 -7.33 5.27 -7.22
CA THR D 104 -7.28 3.85 -6.91
C THR D 104 -5.91 3.43 -6.48
N ASP D 105 -5.90 2.33 -5.74
CA ASP D 105 -4.70 1.56 -5.51
C ASP D 105 -4.90 0.23 -6.19
N TRP D 106 -3.80 -0.36 -6.67
CA TRP D 106 -3.89 -1.66 -7.29
C TRP D 106 -2.87 -2.64 -6.77
N ASN D 107 -3.23 -3.90 -6.90
CA ASN D 107 -2.33 -5.03 -6.70
C ASN D 107 -2.29 -5.86 -7.95
N LEU D 108 -1.09 -6.32 -8.30
CA LEU D 108 -0.85 -7.12 -9.48
C LEU D 108 -0.13 -8.40 -9.05
N ALA D 109 -0.82 -9.52 -9.18
CA ALA D 109 -0.25 -10.85 -8.84
C ALA D 109 0.39 -11.39 -10.09
N TYR D 110 1.63 -11.83 -9.99
CA TYR D 110 2.38 -12.30 -11.15
C TYR D 110 3.46 -13.26 -10.68
N GLN D 111 4.17 -13.84 -11.64
CA GLN D 111 5.24 -14.79 -11.32
C GLN D 111 6.57 -14.05 -11.33
N GLY D 112 7.22 -14.00 -10.17
CA GLY D 112 8.54 -13.39 -10.06
C GLY D 112 9.57 -14.38 -10.49
N SER D 113 10.82 -14.06 -10.15
CA SER D 113 11.96 -14.86 -10.49
C SER D 113 11.87 -16.26 -9.90
N SER D 114 11.43 -16.35 -8.65
CA SER D 114 11.30 -17.66 -8.01
C SER D 114 9.86 -18.02 -7.64
N SER D 115 9.05 -17.04 -7.22
CA SER D 115 7.73 -17.33 -6.65
C SER D 115 6.68 -16.40 -7.14
N GLY D 116 5.44 -16.69 -6.73
CA GLY D 116 4.36 -15.71 -6.90
C GLY D 116 4.61 -14.46 -6.10
N GLU D 117 4.21 -13.32 -6.66
CA GLU D 117 4.49 -12.07 -6.03
C GLU D 117 3.30 -11.19 -6.28
N ILE D 118 3.22 -10.15 -5.48
CA ILE D 118 2.17 -9.16 -5.63
C ILE D 118 2.83 -7.76 -5.63
N GLN D 119 2.73 -7.06 -6.76
CA GLN D 119 3.25 -5.70 -6.88
C GLN D 119 2.09 -4.74 -6.68
N GLN D 120 2.38 -3.63 -6.02
CA GLN D 120 1.38 -2.59 -5.72
C GLN D 120 1.66 -1.28 -6.48
N GLY D 121 0.63 -0.44 -6.66
CA GLY D 121 0.86 0.83 -7.26
C GLY D 121 -0.43 1.60 -7.09
N SER D 122 -0.47 2.77 -7.67
CA SER D 122 -1.65 3.62 -7.61
C SER D 122 -1.95 4.18 -9.00
N ASP D 123 -3.24 4.19 -9.39
CA ASP D 123 -3.67 4.81 -10.66
C ASP D 123 -4.74 5.83 -10.35
N THR D 124 -4.65 6.96 -11.06
CA THR D 124 -5.71 7.97 -11.04
C THR D 124 -6.25 8.12 -12.46
N PHE D 125 -7.55 7.83 -12.62
CA PHE D 125 -8.24 7.85 -13.92
C PHE D 125 -9.03 9.12 -14.03
N THR D 126 -9.09 9.67 -15.24
CA THR D 126 -10.05 10.74 -15.51
C THR D 126 -10.91 10.37 -16.69
N LEU D 127 -12.09 10.95 -16.69
CA LEU D 127 -13.11 10.67 -17.67
C LEU D 127 -12.70 11.41 -18.95
N VAL D 128 -12.68 10.70 -20.07
CA VAL D 128 -12.32 11.27 -21.35
C VAL D 128 -13.58 11.83 -22.00
#